data_8PG9
#
_entry.id   8PG9
#
_cell.length_a   39.500
_cell.length_b   67.960
_cell.length_c   40.290
_cell.angle_alpha   90.000
_cell.angle_beta   93.530
_cell.angle_gamma   90.000
#
_symmetry.space_group_name_H-M   'P 1 21 1'
#
loop_
_entity.id
_entity.type
_entity.pdbx_description
1 polymer 'Beta-lactamase VIM-1'
2 non-polymer 'ZINC ION'
3 non-polymer '7-[(1~{S})-1-[(5~{S})-5-(3-azanylpropyl)-2-oxidanylidene-1,3-oxazolidin-3-yl]ethyl]-3-[3-fluoranyl-4-(methylsulfonylmethyl)phenyl]-1~{H}-indole-2-carboxylic acid'
4 water water
#
_entity_poly.entity_id   1
_entity_poly.type   'polypeptide(L)'
_entity_poly.pdbx_seq_one_letter_code
;MLKVISSLLVYMTASVMAVASPLAHSGEPSGEYPTVNEIPVGEVRLYQIADGVWSHIATQSFDGAVYPSNGLIVRDGDEL
LLIDTAWGAKNTAALLAEIEKQIGLPVTRAVSTHFHDDRVGGVDVLRAAGVATYASPSTRRLAEAEGNEIPTHSLEGLSS
SGDAVRFGPVELFYPGAAHSTDNLVVYVPSANVLYGGCAVHELSSTSAGNVADADLAEWPTSVERIQKHYPEAEVVIPGH
GLPGGLDLLQHTANVVKAHKNRSVAE
;
_entity_poly.pdbx_strand_id   A
#
loop_
_chem_comp.id
_chem_comp.type
_chem_comp.name
_chem_comp.formula
YV8 non-polymer '7-[(1~{S})-1-[(5~{S})-5-(3-azanylpropyl)-2-oxidanylidene-1,3-oxazolidin-3-yl]ethyl]-3-[3-fluoranyl-4-(methylsulfonylmethyl)phenyl]-1~{H}-indole-2-carboxylic acid' 'C25 H28 F N3 O6 S'
ZN non-polymer 'ZINC ION' 'Zn 2'
#
# COMPACT_ATOMS: atom_id res chain seq x y z
N SER A 30 -20.59 -0.32 11.60
N SER A 30 -19.54 1.58 10.21
CA SER A 30 -20.09 -1.45 12.38
CA SER A 30 -19.66 1.75 11.65
C SER A 30 -18.74 -1.17 13.02
C SER A 30 -18.70 0.90 12.46
N GLY A 31 -18.06 -0.14 12.54
N GLY A 31 -17.46 0.70 12.00
CA GLY A 31 -16.65 0.03 12.86
CA GLY A 31 -16.41 0.13 12.82
C GLY A 31 -15.78 -1.06 12.27
C GLY A 31 -15.68 -1.05 12.20
N GLU A 32 -16.37 -1.88 11.43
CA GLU A 32 -15.64 -2.96 10.75
C GLU A 32 -14.83 -2.38 9.59
N TYR A 33 -13.92 -3.20 9.08
CA TYR A 33 -13.05 -2.70 8.02
C TYR A 33 -13.88 -2.45 6.76
N PRO A 34 -13.75 -1.29 6.12
CA PRO A 34 -14.65 -1.00 5.00
C PRO A 34 -14.32 -1.80 3.76
N THR A 35 -15.37 -2.26 3.07
N THR A 35 -15.34 -1.83 2.92
CA THR A 35 -15.19 -3.25 2.00
CA THR A 35 -15.28 -2.45 1.62
C THR A 35 -15.55 -2.69 0.63
C THR A 35 -15.97 -1.53 0.63
N VAL A 36 -15.21 -3.46 -0.42
N VAL A 36 -15.96 -1.97 -0.63
CA VAL A 36 -15.30 -2.92 -1.77
CA VAL A 36 -16.60 -1.24 -1.72
C VAL A 36 -16.71 -2.45 -2.08
C VAL A 36 -18.04 -0.88 -1.39
N ASN A 37 -17.71 -3.27 -1.74
N ASN A 37 -18.71 -1.69 -0.57
CA ASN A 37 -19.09 -2.88 -2.03
CA ASN A 37 -20.12 -1.47 -0.35
C ASN A 37 -19.60 -1.78 -1.12
C ASN A 37 -20.42 -0.43 0.73
N GLU A 38 -18.85 -1.43 -0.08
N GLU A 38 -19.41 0.07 1.42
CA GLU A 38 -19.27 -0.41 0.87
CA GLU A 38 -19.59 1.03 2.50
C GLU A 38 -18.70 0.97 0.58
C GLU A 38 -18.82 2.33 2.25
N ILE A 39 -17.80 1.09 -0.39
N ILE A 39 -18.29 2.51 1.05
CA ILE A 39 -17.18 2.38 -0.69
CA ILE A 39 -17.57 3.72 0.66
C ILE A 39 -17.45 2.73 -2.16
C ILE A 39 -18.43 4.42 -0.39
N PRO A 40 -18.23 3.76 -2.43
N PRO A 40 -18.96 5.61 -0.10
CA PRO A 40 -18.40 4.22 -3.82
CA PRO A 40 -19.75 6.31 -1.12
C PRO A 40 -17.06 4.71 -4.37
C PRO A 40 -18.93 6.54 -2.38
N VAL A 41 -16.84 4.47 -5.65
N VAL A 41 -19.65 6.80 -3.48
CA VAL A 41 -15.64 4.98 -6.28
CA VAL A 41 -18.97 6.95 -4.76
C VAL A 41 -15.63 6.50 -6.19
C VAL A 41 -17.95 8.08 -4.72
N GLY A 42 -14.55 7.05 -5.63
N GLY A 42 -16.72 7.79 -5.17
CA GLY A 42 -14.40 8.49 -5.42
CA GLY A 42 -15.68 8.80 -5.24
C GLY A 42 -14.45 8.94 -3.97
C GLY A 42 -15.06 9.13 -3.90
N GLU A 43 -14.91 8.08 -3.05
N GLU A 43 -15.13 8.18 -2.96
CA GLU A 43 -14.93 8.37 -1.63
CA GLU A 43 -14.98 8.46 -1.54
C GLU A 43 -13.78 7.62 -0.97
C GLU A 43 -13.80 7.67 -0.98
N VAL A 44 -13.31 8.14 0.17
CA VAL A 44 -12.23 7.49 0.88
C VAL A 44 -12.63 7.32 2.34
N ARG A 45 -12.27 6.16 2.89
N ARG A 45 -12.28 6.18 2.92
CA ARG A 45 -12.44 5.86 4.30
CA ARG A 45 -12.49 6.01 4.35
C ARG A 45 -11.08 5.71 4.96
C ARG A 45 -11.15 5.67 4.99
N LEU A 46 -11.01 6.10 6.23
CA LEU A 46 -9.86 5.81 7.07
C LEU A 46 -10.25 4.80 8.13
N TYR A 47 -9.27 4.00 8.56
CA TYR A 47 -9.50 2.99 9.58
C TYR A 47 -8.35 3.04 10.56
N GLN A 48 -8.64 3.24 11.84
CA GLN A 48 -7.60 3.30 12.84
C GLN A 48 -7.03 1.92 13.08
N ILE A 49 -5.73 1.77 12.85
CA ILE A 49 -5.04 0.49 13.03
C ILE A 49 -4.41 0.38 14.41
N ALA A 50 -3.78 1.45 14.88
CA ALA A 50 -3.06 1.52 16.15
C ALA A 50 -2.91 3.00 16.48
N ASP A 51 -2.35 3.31 17.65
CA ASP A 51 -2.08 4.71 17.97
CA ASP A 51 -2.07 4.70 17.97
C ASP A 51 -1.19 5.32 16.89
N GLY A 52 -1.67 6.39 16.26
CA GLY A 52 -0.88 7.05 15.24
C GLY A 52 -0.72 6.30 13.93
N VAL A 53 -1.56 5.27 13.67
CA VAL A 53 -1.49 4.50 12.43
C VAL A 53 -2.91 4.30 11.93
N TRP A 54 -3.14 4.69 10.68
CA TRP A 54 -4.40 4.45 10.01
C TRP A 54 -4.12 3.77 8.68
N SER A 55 -5.07 2.99 8.20
CA SER A 55 -5.11 2.69 6.78
C SER A 55 -6.11 3.60 6.08
N HIS A 56 -5.90 3.79 4.78
CA HIS A 56 -6.89 4.44 3.94
C HIS A 56 -7.39 3.45 2.92
N ILE A 57 -8.68 3.54 2.59
CA ILE A 57 -9.35 2.59 1.71
C ILE A 57 -10.14 3.38 0.68
N ALA A 58 -9.95 3.04 -0.59
CA ALA A 58 -10.68 3.67 -1.67
C ALA A 58 -11.02 2.58 -2.69
N THR A 59 -11.86 2.92 -3.65
CA THR A 59 -12.24 1.96 -4.67
CA THR A 59 -12.30 1.98 -4.66
C THR A 59 -12.02 2.57 -6.04
N GLN A 60 -11.75 1.71 -6.99
CA GLN A 60 -11.48 2.17 -8.35
C GLN A 60 -11.93 1.12 -9.35
N SER A 61 -12.27 1.58 -10.53
N SER A 61 -12.28 1.56 -10.53
CA SER A 61 -12.63 0.74 -11.66
CA SER A 61 -12.65 0.65 -11.62
C SER A 61 -11.39 0.50 -12.50
C SER A 61 -11.46 0.49 -12.55
N PHE A 62 -11.23 -0.75 -12.96
CA PHE A 62 -10.10 -1.09 -13.82
C PHE A 62 -10.56 -2.22 -14.71
N ASP A 63 -10.48 -2.00 -16.03
CA ASP A 63 -10.92 -3.01 -17.01
C ASP A 63 -12.32 -3.54 -16.69
N GLY A 64 -13.20 -2.65 -16.29
CA GLY A 64 -14.61 -2.98 -16.13
C GLY A 64 -14.98 -3.70 -14.86
N ALA A 65 -14.09 -3.72 -13.87
CA ALA A 65 -14.41 -4.29 -12.56
C ALA A 65 -13.97 -3.29 -11.49
N VAL A 66 -14.59 -3.38 -10.32
CA VAL A 66 -14.33 -2.46 -9.21
C VAL A 66 -13.55 -3.21 -8.15
N TYR A 67 -12.50 -2.56 -7.66
CA TYR A 67 -11.63 -3.11 -6.65
C TYR A 67 -11.38 -2.13 -5.51
N PRO A 68 -11.25 -2.63 -4.29
CA PRO A 68 -10.73 -1.80 -3.20
C PRO A 68 -9.21 -1.78 -3.23
N SER A 69 -8.66 -0.78 -2.56
N SER A 69 -8.64 -0.79 -2.56
CA SER A 69 -7.22 -0.69 -2.35
CA SER A 69 -7.21 -0.80 -2.33
C SER A 69 -6.93 0.00 -1.04
C SER A 69 -6.91 -0.01 -1.07
N ASN A 70 -5.83 -0.42 -0.40
CA ASN A 70 -5.37 0.19 0.85
C ASN A 70 -4.13 1.05 0.66
N GLY A 71 -3.96 2.00 1.58
CA GLY A 71 -2.71 2.68 1.87
C GLY A 71 -2.55 2.86 3.36
N LEU A 72 -1.53 3.59 3.78
CA LEU A 72 -1.23 3.79 5.19
C LEU A 72 -0.99 5.27 5.47
N ILE A 73 -1.30 5.68 6.72
CA ILE A 73 -1.03 7.02 7.22
C ILE A 73 -0.35 6.81 8.56
N VAL A 74 0.77 7.47 8.78
CA VAL A 74 1.50 7.31 10.04
C VAL A 74 1.81 8.67 10.61
N ARG A 75 1.40 8.89 11.86
N ARG A 75 1.41 8.89 11.86
CA ARG A 75 1.70 10.15 12.54
CA ARG A 75 1.70 10.17 12.51
C ARG A 75 3.20 10.32 12.72
C ARG A 75 3.20 10.33 12.71
N ASP A 76 3.68 11.53 12.40
CA ASP A 76 5.10 11.88 12.35
C ASP A 76 5.22 13.21 13.11
N GLY A 77 5.08 13.11 14.44
CA GLY A 77 4.99 14.29 15.29
C GLY A 77 3.73 15.10 15.05
N ASP A 78 3.86 16.32 14.56
CA ASP A 78 2.71 17.12 14.15
C ASP A 78 2.50 17.12 12.65
N GLU A 79 3.10 16.16 11.95
CA GLU A 79 2.88 15.96 10.52
C GLU A 79 2.48 14.51 10.29
N LEU A 80 2.11 14.21 9.04
CA LEU A 80 1.76 12.86 8.64
C LEU A 80 2.61 12.38 7.48
N LEU A 81 2.98 11.11 7.55
CA LEU A 81 3.60 10.38 6.45
C LEU A 81 2.54 9.52 5.79
N LEU A 82 2.40 9.66 4.47
CA LEU A 82 1.47 8.87 3.68
C LEU A 82 2.20 7.76 2.93
N ILE A 83 1.63 6.56 2.95
CA ILE A 83 2.12 5.45 2.15
C ILE A 83 1.03 5.14 1.12
N ASP A 84 1.38 5.36 -0.16
CA ASP A 84 0.56 5.04 -1.33
C ASP A 84 -0.60 6.02 -1.54
N THR A 85 -0.88 6.28 -2.81
CA THR A 85 -2.04 7.08 -3.16
C THR A 85 -3.31 6.26 -2.96
N ALA A 86 -4.46 6.88 -3.23
CA ALA A 86 -5.76 6.22 -3.15
C ALA A 86 -6.25 5.71 -4.50
N TRP A 87 -5.34 5.49 -5.45
CA TRP A 87 -5.67 4.93 -6.77
C TRP A 87 -6.46 5.88 -7.63
N GLY A 88 -5.79 6.93 -8.07
CA GLY A 88 -6.37 7.92 -8.96
C GLY A 88 -6.34 9.32 -8.39
N ALA A 89 -6.39 10.29 -9.30
CA ALA A 89 -6.32 11.70 -8.92
C ALA A 89 -7.50 12.12 -8.05
N LYS A 90 -8.73 11.86 -8.50
N LYS A 90 -8.73 11.84 -8.49
CA LYS A 90 -9.90 12.26 -7.73
CA LYS A 90 -9.87 12.29 -7.69
C LYS A 90 -9.95 11.54 -6.38
C LYS A 90 -9.95 11.55 -6.37
N ASN A 91 -9.64 10.25 -6.36
CA ASN A 91 -9.62 9.53 -5.09
C ASN A 91 -8.58 10.11 -4.14
N THR A 92 -7.42 10.53 -4.67
CA THR A 92 -6.35 11.04 -3.82
C THR A 92 -6.69 12.43 -3.30
N ALA A 93 -7.35 13.26 -4.09
CA ALA A 93 -7.88 14.52 -3.57
C ALA A 93 -8.86 14.25 -2.42
N ALA A 94 -9.75 13.28 -2.60
CA ALA A 94 -10.72 12.91 -1.56
C ALA A 94 -10.00 12.39 -0.32
N LEU A 95 -8.88 11.68 -0.50
CA LEU A 95 -8.08 11.21 0.61
C LEU A 95 -7.57 12.38 1.44
N LEU A 96 -6.98 13.37 0.78
CA LEU A 96 -6.46 14.52 1.52
C LEU A 96 -7.59 15.22 2.29
N ALA A 97 -8.78 15.33 1.68
CA ALA A 97 -9.90 15.94 2.38
C ALA A 97 -10.32 15.11 3.58
N GLU A 98 -10.35 13.78 3.44
CA GLU A 98 -10.73 12.92 4.55
C GLU A 98 -9.71 12.98 5.68
N ILE A 99 -8.43 13.07 5.34
CA ILE A 99 -7.39 13.22 6.37
C ILE A 99 -7.59 14.53 7.13
N GLU A 100 -7.92 15.61 6.42
CA GLU A 100 -8.07 16.88 7.12
C GLU A 100 -9.30 16.84 8.03
N LYS A 101 -10.37 16.17 7.60
CA LYS A 101 -11.56 16.02 8.42
C LYS A 101 -11.32 15.18 9.67
N GLN A 102 -10.65 14.04 9.51
CA GLN A 102 -10.56 13.04 10.57
C GLN A 102 -9.34 13.21 11.47
N ILE A 103 -8.26 13.79 10.96
CA ILE A 103 -6.99 13.86 11.66
C ILE A 103 -6.53 15.31 11.83
N GLY A 104 -6.53 16.08 10.75
CA GLY A 104 -6.29 17.50 10.86
C GLY A 104 -4.83 17.89 10.98
N LEU A 105 -3.90 16.99 10.62
CA LEU A 105 -2.48 17.28 10.55
C LEU A 105 -2.04 17.23 9.08
N PRO A 106 -1.04 18.00 8.70
CA PRO A 106 -0.66 18.06 7.28
C PRO A 106 0.13 16.84 6.83
N VAL A 107 -0.21 16.35 5.66
CA VAL A 107 0.60 15.33 4.99
C VAL A 107 1.78 16.03 4.36
N THR A 108 2.99 15.68 4.81
CA THR A 108 4.18 16.35 4.28
C THR A 108 5.02 15.50 3.34
N ARG A 109 4.94 14.18 3.46
CA ARG A 109 5.75 13.27 2.66
C ARG A 109 4.88 12.08 2.32
N ALA A 110 5.14 11.51 1.14
CA ALA A 110 4.48 10.27 0.71
C ALA A 110 5.51 9.35 0.09
N VAL A 111 5.33 8.04 0.32
CA VAL A 111 6.13 7.00 -0.29
C VAL A 111 5.17 6.10 -1.08
N SER A 112 5.53 5.80 -2.32
CA SER A 112 4.80 4.83 -3.13
C SER A 112 5.55 3.52 -3.15
N THR A 113 4.85 2.43 -2.86
CA THR A 113 5.53 1.15 -2.63
C THR A 113 5.72 0.29 -3.89
N HIS A 114 5.11 0.65 -5.01
CA HIS A 114 5.52 0.15 -6.33
C HIS A 114 4.90 1.03 -7.39
N PHE A 115 5.12 0.69 -8.65
CA PHE A 115 4.90 1.64 -9.74
C PHE A 115 3.47 1.64 -10.30
N HIS A 116 2.59 0.75 -9.87
CA HIS A 116 1.27 0.68 -10.45
C HIS A 116 0.39 1.85 -9.99
N ASP A 117 -0.72 2.02 -10.73
CA ASP A 117 -1.61 3.17 -10.51
C ASP A 117 -2.27 3.20 -9.15
N ASP A 118 -2.48 2.06 -8.50
CA ASP A 118 -3.01 2.02 -7.15
C ASP A 118 -2.00 2.49 -6.09
N ARG A 119 -0.76 2.79 -6.49
CA ARG A 119 0.30 3.27 -5.60
C ARG A 119 0.78 4.66 -5.97
N VAL A 120 0.83 4.99 -7.27
CA VAL A 120 1.34 6.29 -7.74
C VAL A 120 0.27 7.15 -8.38
N GLY A 121 -0.90 6.60 -8.73
CA GLY A 121 -1.92 7.42 -9.36
C GLY A 121 -2.51 8.37 -8.34
N GLY A 122 -2.26 9.66 -8.50
CA GLY A 122 -2.53 10.64 -7.47
C GLY A 122 -1.29 11.35 -6.98
N VAL A 123 -0.11 10.92 -7.40
CA VAL A 123 1.14 11.61 -7.05
C VAL A 123 1.13 13.05 -7.54
N ASP A 124 0.55 13.32 -8.70
CA ASP A 124 0.50 14.70 -9.19
C ASP A 124 -0.36 15.56 -8.28
N VAL A 125 -1.51 15.04 -7.85
CA VAL A 125 -2.36 15.72 -6.87
C VAL A 125 -1.58 15.99 -5.59
N LEU A 126 -0.86 14.98 -5.08
CA LEU A 126 -0.09 15.18 -3.85
C LEU A 126 0.95 16.27 -4.03
N ARG A 127 1.65 16.25 -5.15
CA ARG A 127 2.74 17.20 -5.38
C ARG A 127 2.20 18.63 -5.47
N ALA A 128 0.99 18.81 -5.99
CA ALA A 128 0.33 20.11 -6.03
C ALA A 128 -0.27 20.53 -4.70
N ALA A 129 -0.34 19.63 -3.72
CA ALA A 129 -0.83 19.94 -2.39
C ALA A 129 0.30 20.04 -1.37
N GLY A 130 1.54 20.24 -1.83
CA GLY A 130 2.66 20.46 -0.95
C GLY A 130 3.34 19.21 -0.45
N VAL A 131 2.93 18.03 -0.91
CA VAL A 131 3.48 16.78 -0.39
C VAL A 131 4.72 16.43 -1.20
N ALA A 132 5.81 16.14 -0.52
CA ALA A 132 7.02 15.62 -1.12
C ALA A 132 6.84 14.13 -1.36
N THR A 133 6.97 13.70 -2.62
CA THR A 133 6.69 12.32 -3.03
C THR A 133 8.00 11.57 -3.31
N TYR A 134 8.05 10.34 -2.82
CA TYR A 134 9.24 9.50 -2.82
C TYR A 134 8.91 8.10 -3.34
N ALA A 135 9.90 7.46 -3.99
CA ALA A 135 9.84 6.05 -4.34
C ALA A 135 11.25 5.61 -4.65
N SER A 136 11.46 4.29 -4.70
CA SER A 136 12.77 3.82 -5.10
C SER A 136 13.09 4.22 -6.54
N PRO A 137 14.37 4.25 -6.91
CA PRO A 137 14.68 4.50 -8.33
C PRO A 137 14.06 3.45 -9.24
N SER A 138 13.94 2.21 -8.78
N SER A 138 13.98 2.20 -8.79
CA SER A 138 13.34 1.18 -9.62
CA SER A 138 13.33 1.16 -9.59
C SER A 138 11.87 1.53 -9.88
C SER A 138 11.87 1.52 -9.87
N THR A 139 11.14 1.92 -8.83
CA THR A 139 9.75 2.32 -9.02
C THR A 139 9.64 3.50 -9.96
N ARG A 140 10.49 4.50 -9.79
CA ARG A 140 10.41 5.69 -10.63
C ARG A 140 10.64 5.35 -12.09
N ARG A 141 11.62 4.49 -12.37
N ARG A 141 11.62 4.49 -12.37
CA ARG A 141 11.88 4.10 -13.76
CA ARG A 141 11.89 4.08 -13.75
C ARG A 141 10.70 3.34 -14.35
C ARG A 141 10.70 3.35 -14.34
N LEU A 142 10.12 2.42 -13.58
CA LEU A 142 9.02 1.62 -14.10
C LEU A 142 7.79 2.46 -14.30
N ALA A 143 7.53 3.39 -13.39
CA ALA A 143 6.38 4.28 -13.56
C ALA A 143 6.56 5.13 -14.81
N GLU A 144 7.76 5.70 -14.99
CA GLU A 144 8.00 6.52 -16.16
C GLU A 144 7.83 5.71 -17.44
N ALA A 145 8.37 4.48 -17.49
CA ALA A 145 8.26 3.68 -18.71
C ALA A 145 6.83 3.30 -19.01
N GLU A 146 6.01 3.08 -17.97
N GLU A 146 6.01 3.13 -17.98
CA GLU A 146 4.61 2.68 -18.09
CA GLU A 146 4.64 2.69 -18.19
C GLU A 146 3.66 3.83 -18.37
C GLU A 146 3.67 3.84 -18.42
N GLY A 147 4.11 5.08 -18.25
CA GLY A 147 3.20 6.20 -18.37
C GLY A 147 2.41 6.51 -17.13
N ASN A 148 2.87 6.08 -15.97
CA ASN A 148 2.20 6.39 -14.71
C ASN A 148 2.84 7.63 -14.10
N GLU A 149 2.17 8.19 -13.09
CA GLU A 149 2.69 9.36 -12.42
C GLU A 149 3.95 8.99 -11.64
N ILE A 150 4.88 9.95 -11.55
CA ILE A 150 6.24 9.65 -11.12
C ILE A 150 6.54 10.43 -9.84
N PRO A 151 6.78 9.74 -8.71
CA PRO A 151 7.27 10.43 -7.51
C PRO A 151 8.53 11.25 -7.78
N THR A 152 8.68 12.34 -7.03
CA THR A 152 9.76 13.29 -7.29
C THR A 152 11.13 12.78 -6.84
N HIS A 153 11.21 12.15 -5.69
CA HIS A 153 12.47 11.89 -5.00
C HIS A 153 12.79 10.40 -4.98
N SER A 154 14.04 10.06 -5.20
CA SER A 154 14.49 8.67 -5.18
C SER A 154 14.92 8.23 -3.80
N LEU A 155 14.51 7.05 -3.43
CA LEU A 155 14.90 6.41 -2.18
C LEU A 155 16.03 5.41 -2.46
N GLU A 156 17.26 5.80 -2.12
CA GLU A 156 18.42 4.95 -2.28
C GLU A 156 18.49 3.98 -1.10
N GLY A 157 19.40 3.03 -1.20
CA GLY A 157 19.60 2.09 -0.11
C GLY A 157 18.63 0.94 -0.04
N LEU A 158 17.87 0.70 -1.12
CA LEU A 158 16.83 -0.33 -1.14
C LEU A 158 16.97 -1.26 -2.35
N SER A 159 18.11 -1.27 -3.03
CA SER A 159 18.16 -1.97 -4.30
C SER A 159 18.46 -3.45 -4.18
N SER A 160 18.84 -3.96 -3.01
N SER A 160 18.86 -3.93 -3.01
CA SER A 160 19.17 -5.36 -2.83
CA SER A 160 19.21 -5.33 -2.79
C SER A 160 18.18 -5.99 -1.86
C SER A 160 18.21 -5.96 -1.83
N SER A 161 17.70 -7.19 -2.18
N SER A 161 17.77 -7.17 -2.14
CA SER A 161 16.72 -7.81 -1.29
CA SER A 161 16.80 -7.85 -1.30
C SER A 161 17.29 -7.94 0.12
C SER A 161 17.32 -7.93 0.13
N GLY A 162 16.44 -7.65 1.11
CA GLY A 162 16.85 -7.58 2.48
C GLY A 162 17.26 -6.19 2.94
N ASP A 163 17.40 -5.24 2.02
CA ASP A 163 17.75 -3.88 2.40
C ASP A 163 16.62 -3.21 3.18
N ALA A 164 17.02 -2.36 4.12
CA ALA A 164 16.09 -1.60 4.93
C ALA A 164 16.66 -0.21 5.17
N VAL A 165 15.79 0.78 5.19
CA VAL A 165 16.13 2.16 5.50
C VAL A 165 15.04 2.76 6.37
N ARG A 166 15.40 3.74 7.20
CA ARG A 166 14.43 4.48 7.99
C ARG A 166 13.90 5.67 7.20
N PHE A 167 12.61 5.95 7.35
CA PHE A 167 11.98 7.07 6.69
C PHE A 167 10.93 7.59 7.68
N GLY A 168 11.24 8.66 8.39
CA GLY A 168 10.37 9.14 9.44
C GLY A 168 10.08 8.04 10.43
N PRO A 169 8.80 7.87 10.78
CA PRO A 169 8.42 6.87 11.78
C PRO A 169 8.29 5.44 11.25
N VAL A 170 8.74 5.15 10.04
CA VAL A 170 8.66 3.79 9.51
C VAL A 170 10.03 3.31 9.08
N GLU A 171 10.10 2.00 8.86
CA GLU A 171 11.20 1.37 8.15
C GLU A 171 10.67 0.87 6.81
N LEU A 172 11.40 1.15 5.76
CA LEU A 172 11.11 0.64 4.43
C LEU A 172 12.00 -0.57 4.19
N PHE A 173 11.45 -1.62 3.59
CA PHE A 173 12.15 -2.88 3.41
C PHE A 173 11.90 -3.38 2.00
N TYR A 174 12.95 -3.77 1.31
CA TYR A 174 12.82 -4.37 -0.02
C TYR A 174 12.97 -5.87 0.11
N PRO A 175 11.89 -6.64 -0.05
CA PRO A 175 11.97 -8.09 0.21
C PRO A 175 12.46 -8.92 -0.96
N GLY A 176 12.60 -8.33 -2.13
CA GLY A 176 12.77 -9.05 -3.38
C GLY A 176 11.51 -8.99 -4.23
N ALA A 177 11.64 -9.50 -5.45
CA ALA A 177 10.53 -9.49 -6.39
C ALA A 177 9.39 -10.36 -5.88
N ALA A 178 8.16 -9.88 -6.09
CA ALA A 178 6.97 -10.58 -5.64
C ALA A 178 5.83 -10.19 -6.56
N HIS A 179 4.91 -9.36 -6.08
CA HIS A 179 3.87 -8.81 -6.92
C HIS A 179 4.46 -8.02 -8.08
N SER A 180 5.57 -7.33 -7.82
CA SER A 180 6.33 -6.61 -8.83
C SER A 180 7.80 -6.69 -8.43
N THR A 181 8.69 -6.30 -9.34
N THR A 181 8.68 -6.30 -9.34
CA THR A 181 10.10 -6.40 -8.99
CA THR A 181 10.10 -6.36 -9.04
C THR A 181 10.52 -5.31 -8.01
C THR A 181 10.53 -5.30 -8.04
N ASP A 182 9.76 -4.23 -7.92
CA ASP A 182 10.10 -3.06 -7.13
C ASP A 182 9.35 -2.97 -5.79
N ASN A 183 8.47 -3.90 -5.49
CA ASN A 183 7.59 -3.73 -4.34
C ASN A 183 8.36 -3.59 -3.03
N LEU A 184 7.97 -2.59 -2.25
CA LEU A 184 8.50 -2.35 -0.93
C LEU A 184 7.44 -2.67 0.11
N VAL A 185 7.93 -2.97 1.32
N VAL A 185 7.91 -3.06 1.29
CA VAL A 185 7.14 -3.24 2.51
CA VAL A 185 7.03 -3.16 2.44
C VAL A 185 7.48 -2.16 3.52
C VAL A 185 7.43 -2.13 3.48
N VAL A 186 6.52 -1.87 4.41
CA VAL A 186 6.68 -0.77 5.35
C VAL A 186 6.36 -1.31 6.73
N TYR A 187 7.24 -1.04 7.71
CA TYR A 187 7.00 -1.46 9.09
C TYR A 187 6.93 -0.23 9.98
N VAL A 188 5.97 -0.24 10.89
CA VAL A 188 5.82 0.85 11.86
C VAL A 188 6.30 0.29 13.20
N PRO A 189 7.53 0.55 13.62
CA PRO A 189 8.04 -0.16 14.81
C PRO A 189 7.31 0.21 16.08
N SER A 190 6.79 1.43 16.19
CA SER A 190 6.12 1.80 17.44
C SER A 190 4.89 0.96 17.72
N ALA A 191 4.28 0.39 16.68
CA ALA A 191 3.02 -0.32 16.80
C ALA A 191 3.10 -1.74 16.28
N ASN A 192 4.27 -2.17 15.80
CA ASN A 192 4.43 -3.49 15.19
C ASN A 192 3.41 -3.74 14.10
N VAL A 193 3.21 -2.71 13.27
CA VAL A 193 2.33 -2.83 12.10
C VAL A 193 3.16 -3.08 10.86
N LEU A 194 2.85 -4.16 10.16
CA LEU A 194 3.52 -4.52 8.92
C LEU A 194 2.54 -4.21 7.78
N TYR A 195 2.89 -3.23 6.95
CA TYR A 195 2.13 -2.92 5.75
C TYR A 195 2.82 -3.64 4.60
N GLY A 196 2.20 -4.71 4.12
CA GLY A 196 2.82 -5.51 3.07
C GLY A 196 2.68 -4.94 1.69
N GLY A 197 1.75 -4.02 1.48
CA GLY A 197 1.46 -3.61 0.12
C GLY A 197 1.02 -4.82 -0.71
N CYS A 198 1.20 -4.71 -2.02
CA CYS A 198 0.61 -5.71 -2.90
C CYS A 198 1.39 -7.02 -2.95
N ALA A 199 2.54 -7.10 -2.28
CA ALA A 199 3.23 -8.36 -2.08
C ALA A 199 2.50 -9.25 -1.07
N VAL A 200 1.49 -8.74 -0.36
CA VAL A 200 0.76 -9.51 0.66
C VAL A 200 -0.72 -9.43 0.34
N HIS A 201 -1.39 -10.59 0.34
CA HIS A 201 -2.80 -10.70 0.07
C HIS A 201 -3.58 -11.01 1.33
N GLU A 202 -4.86 -10.65 1.28
CA GLU A 202 -5.76 -10.88 2.40
C GLU A 202 -6.13 -12.36 2.49
N LEU A 203 -6.59 -12.74 3.68
CA LEU A 203 -6.85 -14.16 3.95
C LEU A 203 -7.92 -14.76 3.03
N SER A 204 -8.89 -13.97 2.60
CA SER A 204 -9.96 -14.51 1.77
C SER A 204 -9.56 -14.69 0.31
N SER A 205 -8.37 -14.26 -0.07
N SER A 205 -8.33 -14.28 -0.04
CA SER A 205 -8.01 -14.29 -1.49
CA SER A 205 -7.86 -14.34 -1.42
C SER A 205 -7.90 -15.72 -1.99
C SER A 205 -7.89 -15.76 -1.97
N THR A 206 -8.29 -15.90 -3.25
CA THR A 206 -8.34 -17.19 -3.92
C THR A 206 -7.34 -17.33 -5.06
N SER A 207 -6.67 -16.24 -5.41
N SER A 207 -6.63 -16.27 -5.37
CA SER A 207 -5.56 -16.30 -6.37
CA SER A 207 -5.60 -16.24 -6.40
C SER A 207 -4.62 -15.18 -5.96
C SER A 207 -4.65 -15.13 -6.00
N ALA A 208 -3.62 -14.92 -6.79
CA ALA A 208 -2.60 -13.93 -6.47
C ALA A 208 -2.88 -12.57 -7.09
N GLY A 209 -4.15 -12.24 -7.32
CA GLY A 209 -4.49 -10.89 -7.76
C GLY A 209 -4.00 -10.61 -9.16
N ASN A 210 -3.59 -9.36 -9.39
CA ASN A 210 -3.10 -8.97 -10.70
C ASN A 210 -1.61 -9.31 -10.79
N VAL A 211 -1.30 -10.38 -11.52
CA VAL A 211 0.06 -10.92 -11.61
C VAL A 211 0.80 -10.43 -12.84
N ALA A 212 0.29 -9.40 -13.51
CA ALA A 212 0.86 -8.97 -14.78
C ALA A 212 2.38 -8.80 -14.70
N ASP A 213 2.85 -8.17 -13.60
CA ASP A 213 4.25 -7.81 -13.45
C ASP A 213 4.94 -8.58 -12.34
N ALA A 214 4.36 -9.70 -11.93
CA ALA A 214 4.84 -10.44 -10.79
C ALA A 214 5.95 -11.42 -11.18
N ASP A 215 6.64 -11.92 -10.17
CA ASP A 215 7.58 -13.02 -10.30
C ASP A 215 7.06 -14.10 -9.35
N LEU A 216 6.24 -15.00 -9.89
CA LEU A 216 5.60 -16.01 -9.06
C LEU A 216 6.63 -16.96 -8.47
N ALA A 217 7.74 -17.19 -9.16
CA ALA A 217 8.77 -18.10 -8.66
C ALA A 217 9.51 -17.50 -7.47
N GLU A 218 9.79 -16.20 -7.52
CA GLU A 218 10.55 -15.56 -6.45
C GLU A 218 9.67 -15.13 -5.28
N TRP A 219 8.37 -14.93 -5.53
CA TRP A 219 7.47 -14.39 -4.52
C TRP A 219 7.52 -15.13 -3.19
N PRO A 220 7.45 -16.46 -3.15
CA PRO A 220 7.52 -17.13 -1.83
C PRO A 220 8.82 -16.84 -1.09
N THR A 221 9.95 -16.75 -1.81
CA THR A 221 11.21 -16.43 -1.16
C THR A 221 11.17 -15.03 -0.58
N SER A 222 10.57 -14.09 -1.32
CA SER A 222 10.44 -12.73 -0.82
C SER A 222 9.54 -12.68 0.41
N VAL A 223 8.45 -13.45 0.43
CA VAL A 223 7.59 -13.50 1.61
C VAL A 223 8.34 -14.10 2.78
N GLU A 224 9.15 -15.14 2.53
CA GLU A 224 9.95 -15.71 3.61
C GLU A 224 10.89 -14.66 4.21
N ARG A 225 11.47 -13.80 3.37
CA ARG A 225 12.32 -12.72 3.88
C ARG A 225 11.52 -11.80 4.80
N ILE A 226 10.28 -11.48 4.41
CA ILE A 226 9.45 -10.62 5.24
C ILE A 226 9.18 -11.30 6.60
N GLN A 227 8.80 -12.59 6.55
CA GLN A 227 8.52 -13.33 7.78
C GLN A 227 9.74 -13.33 8.71
N LYS A 228 10.93 -13.51 8.13
CA LYS A 228 12.14 -13.57 8.96
C LYS A 228 12.47 -12.21 9.53
N HIS A 229 12.23 -11.14 8.76
CA HIS A 229 12.61 -9.80 9.18
C HIS A 229 11.67 -9.18 10.21
N TYR A 230 10.39 -9.56 10.19
CA TYR A 230 9.39 -8.92 11.01
C TYR A 230 8.58 -9.95 11.80
N PRO A 231 9.25 -10.77 12.61
CA PRO A 231 8.54 -11.83 13.34
C PRO A 231 7.62 -11.34 14.42
N GLU A 232 7.77 -10.09 14.85
N GLU A 232 7.77 -10.09 14.85
CA GLU A 232 6.95 -9.54 15.92
CA GLU A 232 6.94 -9.54 15.92
C GLU A 232 5.78 -8.71 15.40
C GLU A 232 5.77 -8.71 15.39
N ALA A 233 5.52 -8.73 14.09
CA ALA A 233 4.38 -8.00 13.56
C ALA A 233 3.09 -8.47 14.21
N GLU A 234 2.25 -7.53 14.59
CA GLU A 234 0.97 -7.80 15.23
C GLU A 234 -0.22 -7.59 14.30
N VAL A 235 -0.11 -6.62 13.40
CA VAL A 235 -1.10 -6.38 12.35
C VAL A 235 -0.36 -6.44 11.03
N VAL A 236 -0.94 -7.12 10.06
CA VAL A 236 -0.42 -7.19 8.70
C VAL A 236 -1.50 -6.67 7.78
N ILE A 237 -1.14 -5.69 6.95
CA ILE A 237 -2.08 -4.99 6.06
C ILE A 237 -1.72 -5.34 4.63
N PRO A 238 -2.65 -5.92 3.86
CA PRO A 238 -2.37 -6.24 2.46
C PRO A 238 -2.61 -5.01 1.59
N GLY A 239 -2.15 -5.08 0.34
CA GLY A 239 -2.36 -3.97 -0.57
C GLY A 239 -3.81 -3.78 -0.94
N HIS A 240 -4.59 -4.87 -0.88
CA HIS A 240 -6.03 -4.86 -1.16
C HIS A 240 -6.69 -5.80 -0.17
N GLY A 241 -7.74 -5.34 0.48
CA GLY A 241 -8.54 -6.19 1.37
C GLY A 241 -8.23 -6.03 2.86
N LEU A 242 -8.65 -7.02 3.62
CA LEU A 242 -8.75 -6.86 5.06
C LEU A 242 -7.41 -7.12 5.75
N PRO A 243 -7.04 -6.28 6.73
CA PRO A 243 -5.89 -6.62 7.58
C PRO A 243 -6.17 -7.85 8.43
N GLY A 244 -5.07 -8.46 8.89
CA GLY A 244 -5.16 -9.53 9.87
C GLY A 244 -3.83 -9.64 10.58
N GLY A 245 -3.40 -10.86 10.89
CA GLY A 245 -2.16 -11.10 11.57
C GLY A 245 -1.12 -11.71 10.65
N LEU A 246 -0.10 -12.32 11.26
CA LEU A 246 1.01 -12.87 10.49
C LEU A 246 0.55 -13.96 9.50
N ASP A 247 -0.62 -14.57 9.71
CA ASP A 247 -1.08 -15.62 8.80
C ASP A 247 -1.22 -15.11 7.38
N LEU A 248 -1.41 -13.81 7.17
CA LEU A 248 -1.51 -13.31 5.81
C LEU A 248 -0.26 -13.63 5.00
N LEU A 249 0.91 -13.67 5.63
CA LEU A 249 2.14 -13.95 4.89
C LEU A 249 2.14 -15.39 4.36
N GLN A 250 1.88 -16.36 5.22
CA GLN A 250 1.84 -17.74 4.76
C GLN A 250 0.72 -17.96 3.75
N HIS A 251 -0.45 -17.37 4.00
CA HIS A 251 -1.53 -17.51 3.04
C HIS A 251 -1.12 -16.97 1.67
N THR A 252 -0.42 -15.83 1.66
CA THR A 252 0.04 -15.28 0.39
C THR A 252 0.93 -16.27 -0.34
N ALA A 253 1.94 -16.81 0.36
CA ALA A 253 2.81 -17.81 -0.24
C ALA A 253 1.99 -18.96 -0.83
N ASN A 254 0.97 -19.39 -0.10
CA ASN A 254 0.15 -20.52 -0.53
C ASN A 254 -0.61 -20.18 -1.81
N VAL A 255 -1.27 -19.02 -1.85
CA VAL A 255 -2.06 -18.72 -3.05
C VAL A 255 -1.15 -18.45 -4.25
N VAL A 256 0.04 -17.90 -4.01
CA VAL A 256 0.98 -17.65 -5.11
C VAL A 256 1.52 -18.97 -5.65
N LYS A 257 1.93 -19.88 -4.76
CA LYS A 257 2.47 -21.16 -5.22
C LYS A 257 1.44 -21.90 -6.05
N ALA A 258 0.16 -21.82 -5.67
CA ALA A 258 -0.88 -22.53 -6.40
C ALA A 258 -1.22 -21.82 -7.70
N HIS A 259 -1.06 -20.50 -7.75
CA HIS A 259 -1.27 -19.75 -8.99
C HIS A 259 -0.21 -20.14 -10.01
N LYS A 260 1.06 -20.08 -9.62
CA LYS A 260 2.14 -20.54 -10.47
C LYS A 260 1.88 -21.94 -11.00
N ASN A 261 1.54 -22.86 -10.12
CA ASN A 261 1.16 -24.21 -10.51
C ASN A 261 -0.15 -24.15 -11.29
ZN ZN B . 0.47 -3.60 -8.41
ZN ZN C . -2.10 -3.78 -5.96
C10 YV8 D . -5.24 -6.19 -8.25
C10 YV8 D . -5.26 -6.13 -8.21
C01 YV8 D . -3.62 -1.17 -10.77
C01 YV8 D . -3.61 -1.15 -10.86
C02 YV8 D . -3.22 -2.63 -10.63
C02 YV8 D . -3.25 -2.62 -10.63
C03 YV8 D . -4.47 -3.51 -10.50
C03 YV8 D . -4.52 -3.46 -10.45
C04 YV8 D . -4.49 -4.51 -9.51
C04 YV8 D . -4.51 -4.47 -9.47
C06 YV8 D . -3.98 -5.81 -7.88
C06 YV8 D . -3.94 -5.83 -7.87
C07 YV8 D . -3.05 -6.46 -6.90
C07 YV8 D . -3.03 -6.48 -6.86
C11 YV8 D . -6.09 -7.26 -7.60
C11 YV8 D . -6.16 -7.19 -7.57
C12 YV8 D . -6.10 -7.32 -6.21
C12 YV8 D . -7.00 -8.00 -8.31
C13 YV8 D . -6.84 -8.29 -5.58
C13 YV8 D . -7.80 -8.92 -7.66
C15 YV8 D . -7.61 -9.17 -6.31
C15 YV8 D . -7.79 -9.04 -6.28
C16 YV8 D . -8.47 -10.23 -5.60
C16 YV8 D . -8.68 -10.06 -5.57
C18 YV8 D . -6.15 -11.49 -4.34
C18 YV8 D . -6.29 -11.38 -4.41
C21 YV8 D . -7.62 -9.08 -7.69
C21 YV8 D . -6.96 -8.22 -5.54
C22 YV8 D . -6.86 -8.13 -8.34
C22 YV8 D . -6.15 -7.28 -6.18
C23 YV8 D . -5.59 -5.33 -9.30
C23 YV8 D . -5.63 -5.24 -9.24
C24 YV8 D . -6.73 -5.16 -10.12
C24 YV8 D . -6.78 -5.04 -10.00
C25 YV8 D . -6.72 -4.17 -11.10
C25 YV8 D . -6.80 -4.04 -10.97
C26 YV8 D . -5.60 -3.36 -11.29
C26 YV8 D . -5.67 -3.25 -11.19
C28 YV8 D . -2.42 -2.76 -13.12
C28 YV8 D . -2.41 -2.82 -13.08
C29 YV8 D . -1.12 -3.36 -13.63
C29 YV8 D . -1.12 -3.39 -13.60
C30 YV8 D . -1.23 -3.99 -15.01
C30 YV8 D . -1.29 -4.01 -14.97
C31 YV8 D . -1.18 -2.95 -16.12
C31 YV8 D . -1.34 -2.95 -16.06
C32 YV8 D . -0.86 -3.56 -17.49
C32 YV8 D . -0.84 -3.47 -17.41
C35 YV8 D . -1.48 -4.15 -11.50
C35 YV8 D . -1.47 -4.20 -11.48
F14 YV8 D . -6.80 -8.32 -4.20
F14 YV8 D . -8.62 -9.74 -8.40
N05 YV8 D . -3.56 -4.85 -8.63
N05 YV8 D . -3.54 -4.84 -8.64
N27 YV8 D . -2.39 -3.10 -11.74
N27 YV8 D . -2.44 -3.16 -11.70
N33 YV8 D . -1.45 -2.79 -18.56
N33 YV8 D . -1.41 -2.71 -18.50
O08 YV8 D . -3.07 -7.73 -6.89
O08 YV8 D . -3.05 -7.74 -6.71
O09 YV8 D . -2.13 -5.77 -6.33
O09 YV8 D . -2.20 -5.77 -6.22
O19 YV8 D . -7.12 -12.21 -6.78
O19 YV8 D . -8.65 -12.62 -4.62
O20 YV8 D . -8.39 -12.84 -4.82
O20 YV8 D . -7.57 -12.29 -6.64
O34 YV8 D . -0.78 -4.40 -12.67
O34 YV8 D . -0.73 -4.42 -12.67
O36 YV8 D . -1.34 -4.73 -10.45
O36 YV8 D . -1.31 -4.76 -10.45
S17 YV8 D . -7.57 -11.81 -5.43
S17 YV8 D . -7.83 -11.65 -5.34
H013 YV8 D . -4.26 -0.88 -9.94
H013 YV8 D . -4.26 -0.81 -10.06
H011 YV8 D . -4.15 -1.03 -11.71
H011 YV8 D . -4.15 -1.06 -11.81
H012 YV8 D . -2.73 -0.55 -10.76
H012 YV8 D . -2.72 -0.56 -10.90
H021 YV8 D . -2.62 -2.71 -9.72
H021 YV8 D . -2.66 -2.66 -9.72
H121 YV8 D . -5.51 -6.62 -5.64
H121 YV8 D . -7.03 -7.91 -9.39
H161 YV8 D . -8.72 -9.87 -4.61
H161 YV8 D . -8.97 -9.67 -4.60
H162 YV8 D . -9.37 -10.40 -6.17
H162 YV8 D . -9.58 -10.23 -6.17
H182 YV8 D . -5.38 -12.24 -4.51
H182 YV8 D . -5.61 -12.21 -4.58
H181 YV8 D . -6.48 -11.53 -3.31
H181 YV8 D . -5.83 -10.45 -4.74
H183 YV8 D . -5.74 -10.51 -4.56
H183 YV8 D . -6.52 -11.30 -3.35
H211 YV8 D . -8.24 -9.77 -8.26
H211 YV8 D . -6.95 -8.29 -4.45
H221 YV8 D . -6.88 -8.07 -9.42
H221 YV8 D . -5.51 -6.63 -5.59
H241 YV8 D . -7.60 -5.80 -9.99
H241 YV8 D . -7.66 -5.65 -9.84
H251 YV8 D . -7.60 -4.04 -11.72
H251 YV8 D . -7.69 -3.88 -11.56
H261 YV8 D . -5.62 -2.58 -12.06
H261 YV8 D . -5.69 -2.47 -11.94
H281 YV8 D . -2.32 -1.68 -13.20
H281 YV8 D . -2.33 -1.74 -13.15
H282 YV8 D . -3.23 -3.31 -13.58
H282 YV8 D . -3.22 -3.38 -13.56
H291 YV8 D . -0.39 -2.56 -13.69
H291 YV8 D . -0.39 -2.60 -13.67
H301 YV8 D . -2.16 -4.53 -15.07
H301 YV8 D . -2.21 -4.59 -14.99
H302 YV8 D . -0.40 -4.68 -15.13
H302 YV8 D . -0.44 -4.68 -15.16
H311 YV8 D . -0.42 -2.21 -15.88
H311 YV8 D . -0.72 -2.10 -15.76
H312 YV8 D . -2.14 -2.45 -16.17
H312 YV8 D . -2.36 -2.61 -16.17
H322 YV8 D . -1.25 -4.57 -17.52
H322 YV8 D . -1.12 -4.51 -17.52
H321 YV8 D . 0.22 -3.58 -17.63
H321 YV8 D . 0.25 -3.38 -17.44
H051 YV8 D . -2.66 -4.41 -8.56
H051 YV8 D . -2.63 -4.44 -8.61
H331 YV8 D . -2.39 -2.52 -18.32
H331 YV8 D . -2.38 -2.52 -18.31
H332 YV8 D . -0.91 -1.97 -18.76
H332 YV8 D . -0.92 -1.83 -18.62
#